data_9DU6
#
_entry.id   9DU6
#
_cell.length_a   57.934
_cell.length_b   80.392
_cell.length_c   92.888
_cell.angle_alpha   90.00
_cell.angle_beta   90.00
_cell.angle_gamma   90.00
#
_symmetry.space_group_name_H-M   'P 21 21 21'
#
loop_
_entity.id
_entity.type
_entity.pdbx_description
1 polymer 'ADP-ribose pyrophosphatase'
2 non-polymer "ADENOSINE-5'-TRIPHOSPHATE"
3 water water
#
_entity_poly.entity_id   1
_entity_poly.type   'polypeptide(L)'
_entity_poly.pdbx_seq_one_letter_code
;MAHHHHHHMSKPTQQGITFSKNDVEIIARETLYRGFFSLDLYRFRHRLFNGGMSGEITREIFERGHAAVLLPFDPVRDEV
VLVEQIRIAAYDTSESPWLLEMVAGMIEAGETVEDVARREALEEAGLEVGRTKPILSYLASPGGTSERLSILVGEVDAST
AKGIHGLAEENEDIRVHVVSREQAYQWVEEGKIDNAASVIALQWLQLHYHNLRNEWTK
;
_entity_poly.pdbx_strand_id   A,B
#
# COMPACT_ATOMS: atom_id res chain seq x y z
N THR A 18 2.67 -7.47 23.47
CA THR A 18 2.80 -6.41 24.47
C THR A 18 4.18 -5.80 24.34
N PHE A 19 4.81 -6.14 23.22
CA PHE A 19 6.25 -5.97 23.09
C PHE A 19 6.60 -4.59 22.57
N SER A 20 7.80 -4.12 22.94
CA SER A 20 8.39 -2.85 22.56
C SER A 20 9.75 -3.12 21.91
N LYS A 21 10.45 -2.05 21.56
CA LYS A 21 11.78 -2.22 20.96
C LYS A 21 12.80 -2.79 21.92
N ASN A 22 12.55 -2.69 23.22
CA ASN A 22 13.46 -3.32 24.15
C ASN A 22 13.40 -4.83 24.03
N ASP A 23 12.34 -5.36 23.39
CA ASP A 23 12.15 -6.79 23.18
C ASP A 23 12.74 -7.29 21.86
N VAL A 24 13.50 -6.48 21.15
N VAL A 24 13.51 -6.45 21.18
CA VAL A 24 14.16 -6.89 19.92
CA VAL A 24 14.21 -6.78 19.96
C VAL A 24 15.62 -6.43 19.98
C VAL A 24 15.70 -6.49 20.17
N GLU A 25 16.54 -7.33 19.59
CA GLU A 25 17.97 -7.05 19.48
C GLU A 25 18.29 -7.06 18.00
N ILE A 26 18.62 -5.91 17.42
CA ILE A 26 19.07 -5.88 16.03
C ILE A 26 20.60 -6.05 16.10
N ILE A 27 21.07 -7.24 15.74
CA ILE A 27 22.47 -7.57 15.85
C ILE A 27 23.29 -6.85 14.80
N ALA A 28 22.76 -6.78 13.58
CA ALA A 28 23.52 -6.23 12.46
C ALA A 28 22.56 -5.89 11.33
N ARG A 29 22.97 -4.94 10.50
CA ARG A 29 22.30 -4.65 9.23
C ARG A 29 23.39 -4.73 8.17
N GLU A 30 23.44 -5.83 7.44
CA GLU A 30 24.54 -6.10 6.52
C GLU A 30 24.18 -5.63 5.13
N THR A 31 25.03 -4.83 4.53
CA THR A 31 24.79 -4.34 3.18
C THR A 31 24.80 -5.50 2.18
N LEU A 32 23.71 -5.63 1.43
CA LEU A 32 23.61 -6.60 0.34
C LEU A 32 23.74 -5.94 -1.02
N TYR A 33 23.20 -4.74 -1.16
CA TYR A 33 23.24 -3.98 -2.41
C TYR A 33 23.18 -2.51 -2.09
N ARG A 34 24.00 -1.72 -2.79
CA ARG A 34 23.97 -0.27 -2.70
C ARG A 34 23.93 0.28 -4.10
N GLY A 35 22.81 0.86 -4.48
CA GLY A 35 22.69 1.57 -5.73
C GLY A 35 21.85 2.78 -5.52
N PHE A 36 20.90 3.03 -6.43
CA PHE A 36 19.95 4.10 -6.18
C PHE A 36 19.15 3.79 -4.92
N PHE A 37 18.69 2.55 -4.79
CA PHE A 37 18.13 2.01 -3.55
C PHE A 37 19.16 1.11 -2.87
N SER A 38 18.80 0.62 -1.70
CA SER A 38 19.64 -0.24 -0.90
C SER A 38 18.89 -1.50 -0.51
N LEU A 39 19.63 -2.58 -0.28
CA LEU A 39 19.08 -3.81 0.26
C LEU A 39 19.99 -4.20 1.41
N ASP A 40 19.40 -4.40 2.58
CA ASP A 40 20.14 -4.74 3.78
C ASP A 40 19.64 -6.07 4.32
N LEU A 41 20.56 -6.84 4.93
CA LEU A 41 20.17 -8.04 5.68
C LEU A 41 20.07 -7.68 7.15
N TYR A 42 18.86 -7.61 7.68
CA TYR A 42 18.68 -7.43 9.12
C TYR A 42 18.90 -8.77 9.81
N ARG A 43 19.78 -8.78 10.80
CA ARG A 43 20.05 -9.94 11.66
C ARG A 43 19.60 -9.55 13.05
N PHE A 44 18.67 -10.31 13.62
CA PHE A 44 18.01 -9.87 14.84
C PHE A 44 17.47 -11.05 15.62
N ARG A 45 17.16 -10.79 16.88
CA ARG A 45 16.46 -11.72 17.77
C ARG A 45 15.31 -10.94 18.39
N HIS A 46 14.24 -11.64 18.75
CA HIS A 46 13.09 -10.95 19.34
C HIS A 46 12.42 -11.87 20.34
N ARG A 47 11.73 -11.25 21.29
CA ARG A 47 11.00 -12.03 22.31
C ARG A 47 9.81 -12.74 21.67
N LEU A 48 9.51 -13.90 22.20
CA LEU A 48 8.45 -14.81 21.79
C LEU A 48 7.24 -14.61 22.69
N PHE A 49 6.05 -14.78 22.12
CA PHE A 49 4.83 -14.60 22.91
C PHE A 49 4.79 -15.54 24.11
N ASN A 50 5.37 -16.73 23.99
CA ASN A 50 5.38 -17.70 25.08
C ASN A 50 6.57 -17.53 26.01
N GLY A 51 7.39 -16.52 25.78
CA GLY A 51 8.53 -16.27 26.65
C GLY A 51 9.84 -16.69 26.01
N GLY A 52 10.90 -16.06 26.44
CA GLY A 52 12.19 -16.34 25.86
C GLY A 52 12.38 -15.54 24.59
N MET A 53 13.59 -15.67 24.06
CA MET A 53 13.97 -15.02 22.80
C MET A 53 14.13 -16.02 21.67
N SER A 54 13.84 -15.55 20.45
CA SER A 54 14.19 -16.30 19.26
C SER A 54 15.70 -16.50 19.14
N GLY A 55 16.09 -17.44 18.30
CA GLY A 55 17.45 -17.46 17.80
C GLY A 55 17.61 -16.33 16.78
N GLU A 56 18.80 -16.31 16.18
CA GLU A 56 19.07 -15.30 15.15
C GLU A 56 18.18 -15.52 13.93
N ILE A 57 17.51 -14.46 13.53
CA ILE A 57 16.67 -14.43 12.34
C ILE A 57 17.34 -13.49 11.36
N THR A 58 17.26 -13.79 10.05
CA THR A 58 17.75 -12.84 9.05
C THR A 58 16.65 -12.53 8.06
N ARG A 59 16.55 -11.25 7.67
CA ARG A 59 15.57 -10.83 6.68
C ARG A 59 16.18 -9.83 5.73
N GLU A 60 15.92 -10.02 4.43
CA GLU A 60 16.29 -9.06 3.40
C GLU A 60 15.28 -7.93 3.37
N ILE A 61 15.75 -6.71 3.54
CA ILE A 61 14.90 -5.53 3.62
C ILE A 61 15.32 -4.50 2.57
N PHE A 62 14.37 -4.16 1.70
CA PHE A 62 14.50 -3.10 0.70
C PHE A 62 14.38 -1.74 1.36
N GLU A 63 15.44 -0.92 1.23
CA GLU A 63 15.54 0.39 1.85
C GLU A 63 15.54 1.45 0.76
N ARG A 64 14.50 2.27 0.74
CA ARG A 64 14.36 3.31 -0.27
C ARG A 64 13.89 4.63 0.32
N GLY A 65 14.07 4.82 1.61
CA GLY A 65 13.57 6.01 2.22
C GLY A 65 12.06 5.96 2.37
N HIS A 66 11.52 7.13 2.67
CA HIS A 66 10.11 7.30 2.99
C HIS A 66 9.54 8.44 2.18
N ALA A 67 8.22 8.46 2.09
CA ALA A 67 7.55 9.33 1.12
C ALA A 67 6.45 10.15 1.74
N ALA A 68 6.19 11.27 1.08
CA ALA A 68 5.05 12.11 1.36
C ALA A 68 4.11 12.02 0.18
N VAL A 69 2.83 11.88 0.47
CA VAL A 69 1.78 11.69 -0.55
C VAL A 69 0.70 12.75 -0.33
N LEU A 70 0.27 13.42 -1.41
CA LEU A 70 -0.79 14.42 -1.35
C LEU A 70 -1.98 14.03 -2.23
N LEU A 71 -3.14 13.96 -1.62
CA LEU A 71 -4.41 13.84 -2.32
C LEU A 71 -4.91 15.26 -2.57
N PRO A 72 -4.88 15.77 -3.79
CA PRO A 72 -5.35 17.13 -4.01
C PRO A 72 -6.84 17.14 -4.19
N PHE A 73 -7.58 17.75 -3.27
CA PHE A 73 -9.03 17.73 -3.25
C PHE A 73 -9.57 19.15 -3.30
N ASP A 74 -10.48 19.40 -4.25
CA ASP A 74 -11.18 20.66 -4.36
C ASP A 74 -12.52 20.51 -3.68
N PRO A 75 -12.73 21.07 -2.48
CA PRO A 75 -14.00 20.82 -1.78
C PRO A 75 -15.17 21.60 -2.33
N VAL A 76 -14.92 22.69 -3.03
CA VAL A 76 -16.02 23.43 -3.63
C VAL A 76 -16.61 22.63 -4.80
N ARG A 77 -15.75 22.06 -5.63
CA ARG A 77 -16.19 21.38 -6.84
C ARG A 77 -16.32 19.87 -6.68
N ASP A 78 -15.85 19.31 -5.55
CA ASP A 78 -15.86 17.87 -5.31
C ASP A 78 -15.07 17.13 -6.39
N GLU A 79 -13.86 17.61 -6.62
CA GLU A 79 -12.97 17.11 -7.65
C GLU A 79 -11.63 16.77 -7.03
N VAL A 80 -10.94 15.81 -7.65
CA VAL A 80 -9.61 15.41 -7.25
C VAL A 80 -8.68 15.51 -8.45
N VAL A 81 -7.41 15.75 -8.17
CA VAL A 81 -6.37 15.85 -9.20
C VAL A 81 -5.48 14.61 -9.09
N LEU A 82 -5.31 13.93 -10.22
CA LEU A 82 -4.48 12.73 -10.37
C LEU A 82 -3.36 13.02 -11.34
N VAL A 83 -2.25 12.33 -11.17
CA VAL A 83 -1.14 12.43 -12.11
C VAL A 83 -0.91 11.05 -12.70
N GLU A 84 -0.65 11.02 -13.99
CA GLU A 84 -0.43 9.79 -14.73
C GLU A 84 1.01 9.73 -15.21
N GLN A 85 1.65 8.59 -14.97
CA GLN A 85 2.99 8.36 -15.50
C GLN A 85 3.32 6.88 -15.46
N ILE A 86 4.36 6.51 -16.23
CA ILE A 86 4.76 5.10 -16.26
C ILE A 86 5.49 4.72 -14.97
N ARG A 87 5.15 3.54 -14.46
CA ARG A 87 5.85 2.92 -13.34
C ARG A 87 6.20 1.51 -13.82
N ILE A 88 7.43 1.31 -14.30
CA ILE A 88 7.75 0.08 -14.99
C ILE A 88 7.63 -1.16 -14.10
N ALA A 89 7.72 -1.02 -12.78
CA ALA A 89 7.55 -2.20 -11.92
C ALA A 89 6.14 -2.76 -12.02
N ALA A 90 5.17 -1.98 -12.45
CA ALA A 90 3.81 -2.47 -12.66
C ALA A 90 3.67 -3.38 -13.87
N TYR A 91 4.69 -3.43 -14.73
CA TYR A 91 4.56 -4.06 -16.04
C TYR A 91 4.09 -5.52 -15.96
N ASP A 92 4.73 -6.33 -15.10
CA ASP A 92 4.49 -7.77 -15.18
C ASP A 92 3.10 -8.19 -14.73
N THR A 93 2.38 -7.37 -13.97
CA THR A 93 1.13 -7.81 -13.38
C THR A 93 -0.06 -6.93 -13.75
N SER A 94 0.12 -5.91 -14.60
CA SER A 94 -0.91 -4.92 -14.88
C SER A 94 -1.26 -4.92 -16.35
N GLU A 95 -2.45 -4.39 -16.64
CA GLU A 95 -2.84 -4.18 -18.03
C GLU A 95 -1.93 -3.16 -18.69
N SER A 96 -1.56 -2.12 -17.95
CA SER A 96 -0.65 -1.09 -18.40
C SER A 96 0.26 -0.61 -17.28
N PRO A 97 1.52 -0.29 -17.58
CA PRO A 97 2.37 0.27 -16.53
C PRO A 97 2.19 1.76 -16.33
N TRP A 98 1.37 2.45 -17.13
CA TRP A 98 1.04 3.83 -16.81
C TRP A 98 -0.04 3.84 -15.74
N LEU A 99 0.22 4.52 -14.62
CA LEU A 99 -0.64 4.49 -13.47
C LEU A 99 -1.21 5.88 -13.19
N LEU A 100 -2.45 5.91 -12.70
CA LEU A 100 -3.06 7.12 -12.17
C LEU A 100 -2.75 7.17 -10.68
N GLU A 101 -2.08 8.25 -10.24
CA GLU A 101 -1.56 8.30 -8.87
C GLU A 101 -1.74 9.66 -8.21
N MET A 102 -1.47 9.65 -6.91
N MET A 102 -1.50 9.64 -6.90
CA MET A 102 -1.35 10.85 -6.12
CA MET A 102 -1.36 10.83 -6.09
C MET A 102 0.00 11.50 -6.35
C MET A 102 0.00 11.49 -6.32
N VAL A 103 0.05 12.81 -6.14
CA VAL A 103 1.30 13.51 -6.05
C VAL A 103 2.09 12.88 -4.92
N ALA A 104 3.39 12.68 -5.12
CA ALA A 104 4.22 12.07 -4.08
C ALA A 104 5.69 12.36 -4.34
N GLY A 105 6.46 12.32 -3.26
CA GLY A 105 7.91 12.41 -3.40
C GLY A 105 8.60 11.90 -2.16
N MET A 106 9.90 11.67 -2.29
CA MET A 106 10.71 11.20 -1.18
C MET A 106 11.03 12.35 -0.23
N ILE A 107 11.05 12.02 1.06
CA ILE A 107 11.38 12.95 2.12
C ILE A 107 12.87 12.86 2.37
N GLU A 108 13.57 13.98 2.21
CA GLU A 108 15.00 14.06 2.49
C GLU A 108 15.21 14.54 3.92
N ALA A 109 16.47 14.45 4.36
CA ALA A 109 16.79 14.79 5.74
C ALA A 109 16.40 16.23 6.04
N GLY A 110 15.68 16.43 7.15
CA GLY A 110 15.30 17.75 7.58
C GLY A 110 14.02 18.28 6.97
N GLU A 111 13.45 17.58 6.00
CA GLU A 111 12.20 18.01 5.39
C GLU A 111 11.03 17.46 6.17
N THR A 112 9.94 18.21 6.17
CA THR A 112 8.66 17.73 6.66
C THR A 112 7.83 17.10 5.53
N VAL A 113 6.86 16.29 5.93
CA VAL A 113 5.91 15.71 4.98
C VAL A 113 5.25 16.81 4.16
N GLU A 114 4.82 17.88 4.84
CA GLU A 114 4.14 18.98 4.17
C GLU A 114 5.05 19.69 3.18
N ASP A 115 6.32 19.93 3.56
CA ASP A 115 7.25 20.57 2.62
C ASP A 115 7.25 19.82 1.30
N VAL A 116 7.38 18.50 1.38
CA VAL A 116 7.54 17.69 0.18
C VAL A 116 6.25 17.67 -0.61
N ALA A 117 5.13 17.48 0.08
CA ALA A 117 3.84 17.43 -0.59
C ALA A 117 3.56 18.72 -1.34
N ARG A 118 3.82 19.86 -0.69
CA ARG A 118 3.56 21.14 -1.34
C ARG A 118 4.46 21.31 -2.54
N ARG A 119 5.74 20.95 -2.40
CA ARG A 119 6.68 21.11 -3.51
C ARG A 119 6.28 20.25 -4.68
N GLU A 120 5.93 18.99 -4.43
CA GLU A 120 5.59 18.11 -5.54
C GLU A 120 4.26 18.51 -6.19
N ALA A 121 3.32 19.03 -5.40
CA ALA A 121 2.06 19.50 -5.98
C ALA A 121 2.30 20.63 -6.96
N LEU A 122 3.24 21.51 -6.63
CA LEU A 122 3.56 22.62 -7.52
C LEU A 122 4.30 22.14 -8.76
N GLU A 123 5.29 21.25 -8.60
CA GLU A 123 6.13 20.85 -9.70
C GLU A 123 5.39 19.96 -10.69
N GLU A 124 4.63 19.01 -10.18
CA GLU A 124 3.99 18.03 -11.05
C GLU A 124 2.65 18.51 -11.59
N ALA A 125 1.95 19.40 -10.87
CA ALA A 125 0.62 19.78 -11.29
C ALA A 125 0.33 21.27 -11.18
N GLY A 126 1.35 22.10 -10.93
CA GLY A 126 1.15 23.52 -10.84
C GLY A 126 0.14 23.93 -9.79
N LEU A 127 -0.03 23.14 -8.74
CA LEU A 127 -1.06 23.39 -7.74
C LEU A 127 -0.48 24.06 -6.51
N GLU A 128 -1.05 25.20 -6.13
CA GLU A 128 -0.87 25.74 -4.80
C GLU A 128 -1.82 25.05 -3.84
N VAL A 129 -1.37 24.77 -2.63
CA VAL A 129 -2.15 24.02 -1.66
C VAL A 129 -2.55 24.96 -0.53
N GLY A 130 -3.80 24.85 -0.08
CA GLY A 130 -4.29 25.62 1.03
C GLY A 130 -4.13 24.87 2.34
N ARG A 131 -5.25 24.63 3.01
CA ARG A 131 -5.22 23.80 4.22
C ARG A 131 -4.83 22.37 3.91
N THR A 132 -4.29 21.68 4.92
CA THR A 132 -3.99 20.26 4.78
C THR A 132 -4.46 19.54 6.00
N LYS A 133 -4.78 18.27 5.82
CA LYS A 133 -5.07 17.41 6.93
C LYS A 133 -4.32 16.10 6.75
N PRO A 134 -3.73 15.55 7.81
CA PRO A 134 -3.20 14.19 7.67
C PRO A 134 -4.36 13.19 7.48
N ILE A 135 -4.15 12.24 6.59
CA ILE A 135 -5.09 11.13 6.33
C ILE A 135 -4.59 9.98 7.21
N LEU A 136 -3.45 9.44 6.82
CA LEU A 136 -2.81 8.42 7.62
C LEU A 136 -1.43 8.16 7.03
N SER A 137 -0.66 7.39 7.78
CA SER A 137 0.71 7.05 7.42
C SER A 137 0.81 5.54 7.51
N TYR A 138 1.29 4.91 6.44
CA TYR A 138 1.26 3.46 6.35
C TYR A 138 2.59 2.88 5.84
N LEU A 139 2.83 1.64 6.26
CA LEU A 139 3.94 0.83 5.76
C LEU A 139 3.50 0.12 4.48
N ALA A 140 4.25 0.32 3.39
CA ALA A 140 3.85 -0.22 2.09
C ALA A 140 3.77 -1.74 2.08
N SER A 141 4.77 -2.43 2.67
CA SER A 141 4.86 -3.87 2.61
C SER A 141 5.91 -4.33 3.60
N PRO A 142 5.58 -4.34 4.89
CA PRO A 142 6.63 -4.40 5.92
C PRO A 142 7.29 -5.75 6.12
N GLY A 143 6.87 -6.79 5.41
CA GLY A 143 7.62 -8.04 5.41
C GLY A 143 8.93 -7.95 4.66
N GLY A 144 9.07 -6.97 3.76
CA GLY A 144 10.23 -6.92 2.90
C GLY A 144 10.78 -5.52 2.63
N THR A 145 10.09 -4.46 3.08
CA THR A 145 10.59 -3.10 2.85
C THR A 145 10.23 -2.23 4.05
N SER A 146 11.15 -1.31 4.40
CA SER A 146 10.92 -0.38 5.49
C SER A 146 10.05 0.80 5.09
N GLU A 147 9.66 0.92 3.82
CA GLU A 147 9.09 2.17 3.33
C GLU A 147 7.78 2.53 4.04
N ARG A 148 7.74 3.75 4.55
CA ARG A 148 6.55 4.38 5.10
C ARG A 148 6.14 5.54 4.21
N LEU A 149 4.84 5.68 4.00
CA LEU A 149 4.29 6.76 3.17
C LEU A 149 3.26 7.48 4.02
N SER A 150 3.36 8.81 4.09
CA SER A 150 2.49 9.63 4.92
C SER A 150 1.61 10.45 3.99
N ILE A 151 0.31 10.23 4.09
CA ILE A 151 -0.66 10.86 3.17
C ILE A 151 -1.31 12.06 3.84
N LEU A 152 -1.39 13.17 3.07
CA LEU A 152 -2.12 14.36 3.44
C LEU A 152 -3.20 14.56 2.39
N VAL A 153 -4.34 15.12 2.81
CA VAL A 153 -5.28 15.71 1.87
C VAL A 153 -5.01 17.20 1.86
N GLY A 154 -4.94 17.77 0.66
CA GLY A 154 -4.64 19.18 0.54
C GLY A 154 -5.72 19.88 -0.24
N GLU A 155 -6.16 21.00 0.32
CA GLU A 155 -7.18 21.84 -0.32
C GLU A 155 -6.61 22.51 -1.56
N VAL A 156 -7.24 22.29 -2.72
CA VAL A 156 -6.80 22.96 -3.94
C VAL A 156 -8.00 23.51 -4.70
N ASP A 157 -7.70 24.42 -5.62
CA ASP A 157 -8.67 24.97 -6.57
C ASP A 157 -8.41 24.20 -7.87
N ALA A 158 -9.31 23.29 -8.19
CA ALA A 158 -9.07 22.40 -9.33
C ALA A 158 -9.09 23.13 -10.66
N SER A 159 -9.55 24.38 -10.70
CA SER A 159 -9.45 25.17 -11.92
C SER A 159 -8.06 25.77 -12.13
N THR A 160 -7.10 25.51 -11.23
CA THR A 160 -5.72 25.91 -11.43
C THR A 160 -4.83 24.73 -11.76
N ALA A 161 -5.41 23.52 -11.77
CA ALA A 161 -4.70 22.29 -12.11
C ALA A 161 -4.37 22.33 -13.59
N LYS A 162 -3.11 22.64 -13.88
CA LYS A 162 -2.60 22.68 -15.24
C LYS A 162 -1.45 21.68 -15.34
N GLY A 163 -1.37 20.99 -16.48
CA GLY A 163 -0.12 20.32 -16.82
C GLY A 163 1.01 21.33 -16.95
N ILE A 164 2.17 20.96 -16.40
CA ILE A 164 3.36 21.80 -16.42
C ILE A 164 3.99 21.70 -17.81
N HIS A 165 3.93 22.80 -18.57
CA HIS A 165 4.36 22.93 -19.98
C HIS A 165 3.15 22.79 -20.90
N GLU A 172 9.46 11.51 -15.43
CA GLU A 172 9.67 12.83 -16.04
C GLU A 172 8.51 13.22 -16.96
N ASP A 173 7.75 12.23 -17.44
CA ASP A 173 6.68 12.47 -18.42
C ASP A 173 5.33 12.25 -17.74
N ILE A 174 4.63 13.34 -17.45
CA ILE A 174 3.44 13.31 -16.62
C ILE A 174 2.26 13.94 -17.36
N ARG A 175 1.07 13.42 -17.08
CA ARG A 175 -0.18 14.02 -17.51
C ARG A 175 -1.08 14.21 -16.30
N VAL A 176 -1.68 15.38 -16.20
CA VAL A 176 -2.55 15.75 -15.10
C VAL A 176 -3.99 15.49 -15.50
N HIS A 177 -4.74 14.82 -14.63
CA HIS A 177 -6.15 14.56 -14.82
C HIS A 177 -6.92 15.24 -13.69
N VAL A 178 -8.00 15.92 -14.01
CA VAL A 178 -8.93 16.44 -13.02
C VAL A 178 -10.22 15.68 -13.19
N VAL A 179 -10.66 14.96 -12.15
CA VAL A 179 -11.86 14.15 -12.24
C VAL A 179 -12.74 14.40 -11.02
N SER A 180 -14.02 14.10 -11.16
CA SER A 180 -14.89 14.14 -9.99
C SER A 180 -14.46 13.12 -8.96
N ARG A 181 -14.67 13.43 -7.68
CA ARG A 181 -14.39 12.44 -6.65
C ARG A 181 -15.10 11.12 -6.97
N GLU A 182 -16.35 11.19 -7.40
CA GLU A 182 -17.11 9.96 -7.65
C GLU A 182 -16.46 9.14 -8.75
N GLN A 183 -15.92 9.79 -9.79
CA GLN A 183 -15.24 9.04 -10.83
C GLN A 183 -13.96 8.40 -10.31
N ALA A 184 -13.18 9.16 -9.54
CA ALA A 184 -11.96 8.61 -8.99
C ALA A 184 -12.25 7.39 -8.14
N TYR A 185 -13.28 7.49 -7.30
CA TYR A 185 -13.60 6.33 -6.46
C TYR A 185 -14.15 5.17 -7.30
N GLN A 186 -14.97 5.45 -8.31
CA GLN A 186 -15.41 4.36 -9.19
C GLN A 186 -14.22 3.66 -9.85
N TRP A 187 -13.17 4.41 -10.20
CA TRP A 187 -11.99 3.79 -10.78
C TRP A 187 -11.24 2.89 -9.77
N VAL A 188 -11.24 3.24 -8.49
CA VAL A 188 -10.73 2.32 -7.47
C VAL A 188 -11.56 1.03 -7.47
N GLU A 189 -12.89 1.17 -7.46
CA GLU A 189 -13.74 -0.03 -7.43
C GLU A 189 -13.49 -0.90 -8.65
N GLU A 190 -13.25 -0.29 -9.82
CA GLU A 190 -13.07 -1.02 -11.07
C GLU A 190 -11.65 -1.57 -11.26
N GLY A 191 -10.72 -1.21 -10.39
CA GLY A 191 -9.34 -1.60 -10.56
C GLY A 191 -8.53 -0.72 -11.49
N LYS A 192 -9.12 0.37 -11.99
CA LYS A 192 -8.36 1.27 -12.84
C LYS A 192 -7.39 2.13 -12.04
N ILE A 193 -7.66 2.34 -10.76
CA ILE A 193 -6.68 2.91 -9.83
C ILE A 193 -6.38 1.81 -8.83
N ASP A 194 -5.12 1.36 -8.77
CA ASP A 194 -4.81 0.16 -7.98
C ASP A 194 -3.41 0.20 -7.40
N ASN A 195 -2.90 1.38 -7.10
CA ASN A 195 -1.67 1.53 -6.34
C ASN A 195 -2.04 1.92 -4.91
N ALA A 196 -1.33 1.36 -3.94
CA ALA A 196 -1.72 1.49 -2.54
C ALA A 196 -1.99 2.93 -2.12
N ALA A 197 -1.09 3.87 -2.45
CA ALA A 197 -1.26 5.24 -1.94
C ALA A 197 -2.57 5.83 -2.40
N SER A 198 -2.92 5.60 -3.67
CA SER A 198 -4.11 6.20 -4.22
C SER A 198 -5.38 5.51 -3.75
N VAL A 199 -5.35 4.18 -3.63
CA VAL A 199 -6.48 3.44 -3.09
C VAL A 199 -6.75 3.90 -1.66
N ILE A 200 -5.71 3.97 -0.84
CA ILE A 200 -5.91 4.37 0.55
C ILE A 200 -6.46 5.80 0.64
N ALA A 201 -5.88 6.73 -0.12
CA ALA A 201 -6.32 8.11 -0.06
C ALA A 201 -7.77 8.26 -0.53
N LEU A 202 -8.12 7.58 -1.62
CA LEU A 202 -9.45 7.75 -2.18
C LEU A 202 -10.50 7.00 -1.37
N GLN A 203 -10.14 5.86 -0.77
CA GLN A 203 -11.07 5.24 0.17
C GLN A 203 -11.31 6.15 1.38
N TRP A 204 -10.25 6.75 1.92
CA TRP A 204 -10.42 7.70 3.01
C TRP A 204 -11.35 8.82 2.61
N LEU A 205 -11.14 9.37 1.41
CA LEU A 205 -11.98 10.48 0.97
C LEU A 205 -13.44 10.05 0.83
N GLN A 206 -13.70 8.83 0.33
CA GLN A 206 -15.07 8.37 0.19
C GLN A 206 -15.75 8.22 1.55
N LEU A 207 -14.99 7.92 2.61
CA LEU A 207 -15.51 7.84 3.96
C LEU A 207 -15.69 9.20 4.62
N HIS A 208 -14.88 10.19 4.24
CA HIS A 208 -14.80 11.45 4.97
C HIS A 208 -15.21 12.70 4.21
N TYR A 209 -15.58 12.60 2.94
CA TYR A 209 -15.74 13.80 2.14
C TYR A 209 -16.86 14.71 2.64
N HIS A 210 -17.93 14.16 3.19
CA HIS A 210 -19.04 15.02 3.60
C HIS A 210 -18.60 15.95 4.72
N ASN A 211 -17.90 15.42 5.72
CA ASN A 211 -17.42 16.29 6.79
C ASN A 211 -16.32 17.23 6.29
N LEU A 212 -15.44 16.73 5.41
CA LEU A 212 -14.33 17.56 4.94
C LEU A 212 -14.84 18.73 4.11
N ARG A 213 -15.80 18.48 3.20
CA ARG A 213 -16.36 19.60 2.44
C ARG A 213 -17.00 20.63 3.36
N ASN A 214 -17.74 20.17 4.38
CA ASN A 214 -18.34 21.12 5.31
C ASN A 214 -17.26 21.92 6.03
N GLU A 215 -16.20 21.25 6.48
CA GLU A 215 -15.14 21.92 7.23
C GLU A 215 -14.44 22.98 6.37
N TRP A 216 -14.26 22.70 5.08
CA TRP A 216 -13.49 23.58 4.22
C TRP A 216 -14.34 24.52 3.37
N THR A 217 -15.68 24.45 3.47
CA THR A 217 -16.56 25.41 2.82
C THR A 217 -17.41 26.18 3.82
N LYS A 218 -17.13 26.02 5.12
CA LYS A 218 -17.82 26.81 6.16
C LYS A 218 -17.20 28.19 6.28
N GLN B 15 -11.92 9.92 -19.01
CA GLN B 15 -10.95 9.58 -20.04
C GLN B 15 -10.10 8.38 -19.61
N GLY B 16 -9.06 8.64 -18.82
CA GLY B 16 -8.24 7.58 -18.24
C GLY B 16 -6.83 7.58 -18.80
N ILE B 17 -6.14 6.44 -18.61
CA ILE B 17 -4.75 6.34 -19.02
C ILE B 17 -4.66 6.24 -20.54
N THR B 18 -3.57 6.76 -21.10
CA THR B 18 -3.47 6.87 -22.56
C THR B 18 -2.83 5.65 -23.19
N PHE B 19 -1.83 5.04 -22.53
CA PHE B 19 -0.98 4.06 -23.18
C PHE B 19 -1.15 2.69 -22.54
N SER B 20 -0.68 1.67 -23.27
CA SER B 20 -0.87 0.28 -22.94
C SER B 20 0.48 -0.41 -22.80
N LYS B 21 0.42 -1.66 -22.32
CA LYS B 21 1.62 -2.47 -22.19
C LYS B 21 2.40 -2.59 -23.51
N ASN B 22 1.77 -2.30 -24.64
CA ASN B 22 2.44 -2.39 -25.94
C ASN B 22 3.20 -1.13 -26.33
N ASP B 23 3.07 -0.05 -25.56
CA ASP B 23 3.73 1.21 -25.84
C ASP B 23 5.05 1.37 -25.09
N VAL B 24 5.58 0.30 -24.54
CA VAL B 24 6.88 0.30 -23.88
C VAL B 24 7.69 -0.86 -24.42
N GLU B 25 8.99 -0.63 -24.57
CA GLU B 25 9.94 -1.65 -25.00
C GLU B 25 10.83 -1.94 -23.82
N ILE B 26 10.74 -3.16 -23.27
CA ILE B 26 11.68 -3.60 -22.26
C ILE B 26 12.88 -4.18 -23.02
N ILE B 27 13.98 -3.46 -22.96
CA ILE B 27 15.16 -3.83 -23.74
C ILE B 27 15.90 -4.99 -23.10
N ALA B 28 16.04 -4.96 -21.78
CA ALA B 28 16.72 -6.03 -21.08
C ALA B 28 16.46 -5.89 -19.58
N ARG B 29 16.56 -7.02 -18.90
CA ARG B 29 16.53 -7.05 -17.44
C ARG B 29 17.82 -7.70 -16.94
N GLU B 30 18.24 -7.28 -15.75
CA GLU B 30 19.49 -7.69 -15.14
C GLU B 30 19.22 -7.93 -13.67
N THR B 31 19.69 -9.06 -13.13
CA THR B 31 19.54 -9.30 -11.69
C THR B 31 20.81 -8.82 -11.01
N LEU B 32 20.67 -7.78 -10.20
CA LEU B 32 21.77 -7.15 -9.47
C LEU B 32 22.08 -7.84 -8.15
N TYR B 33 21.08 -8.50 -7.56
CA TYR B 33 21.20 -9.21 -6.29
C TYR B 33 20.19 -10.35 -6.32
N ARG B 34 20.62 -11.53 -5.95
CA ARG B 34 19.75 -12.71 -5.86
C ARG B 34 19.98 -13.38 -4.52
N GLY B 35 18.97 -13.35 -3.66
CA GLY B 35 19.01 -14.12 -2.43
C GLY B 35 17.66 -14.77 -2.23
N PHE B 36 17.02 -14.51 -1.11
CA PHE B 36 15.65 -14.98 -0.98
C PHE B 36 14.76 -14.20 -1.93
N PHE B 37 14.93 -12.89 -1.97
CA PHE B 37 14.32 -12.00 -2.94
C PHE B 37 15.39 -11.57 -3.95
N SER B 38 14.99 -10.71 -4.88
N SER B 38 15.01 -10.71 -4.89
CA SER B 38 15.88 -10.23 -5.92
CA SER B 38 15.97 -10.25 -5.88
C SER B 38 15.79 -8.73 -6.06
C SER B 38 15.79 -8.76 -6.13
N LEU B 39 16.86 -8.13 -6.57
CA LEU B 39 16.84 -6.75 -7.00
C LEU B 39 17.22 -6.76 -8.47
N ASP B 40 16.31 -6.31 -9.31
CA ASP B 40 16.49 -6.33 -10.75
C ASP B 40 16.67 -4.91 -11.28
N LEU B 41 17.33 -4.80 -12.41
CA LEU B 41 17.41 -3.56 -13.16
C LEU B 41 16.67 -3.73 -14.47
N TYR B 42 15.64 -2.90 -14.70
CA TYR B 42 14.96 -2.88 -15.98
C TYR B 42 15.55 -1.77 -16.84
N ARG B 43 15.80 -2.08 -18.11
CA ARG B 43 16.23 -1.12 -19.13
C ARG B 43 15.13 -1.06 -20.16
N PHE B 44 14.60 0.14 -20.43
CA PHE B 44 13.37 0.21 -21.22
C PHE B 44 13.22 1.57 -21.88
N ARG B 45 12.32 1.62 -22.86
CA ARG B 45 11.90 2.85 -23.51
C ARG B 45 10.38 2.84 -23.60
N HIS B 46 9.79 4.02 -23.67
CA HIS B 46 8.34 4.09 -23.64
C HIS B 46 7.84 5.32 -24.38
N ARG B 47 6.60 5.23 -24.84
CA ARG B 47 5.98 6.34 -25.53
C ARG B 47 5.81 7.52 -24.59
N LEU B 48 5.85 8.72 -25.16
CA LEU B 48 5.62 9.97 -24.44
C LEU B 48 4.25 10.53 -24.79
N PHE B 49 3.68 11.29 -23.86
CA PHE B 49 2.34 11.82 -24.08
C PHE B 49 2.29 12.75 -25.29
N ASN B 50 3.38 13.47 -25.54
CA ASN B 50 3.41 14.37 -26.70
C ASN B 50 3.32 13.57 -28.00
N GLY B 51 3.89 12.37 -28.02
CA GLY B 51 3.79 11.49 -29.17
C GLY B 51 5.11 10.85 -29.54
N GLY B 52 6.20 11.31 -28.94
CA GLY B 52 7.51 10.76 -29.24
C GLY B 52 7.79 9.50 -28.46
N MET B 53 9.06 9.11 -28.49
CA MET B 53 9.57 7.92 -27.80
C MET B 53 10.66 8.35 -26.84
N SER B 54 10.58 7.88 -25.59
CA SER B 54 11.64 8.18 -24.65
C SER B 54 12.97 7.62 -25.13
N GLY B 55 14.04 8.11 -24.54
CA GLY B 55 15.32 7.44 -24.59
C GLY B 55 15.33 6.23 -23.65
N GLU B 56 16.51 5.64 -23.52
CA GLU B 56 16.68 4.45 -22.70
C GLU B 56 16.70 4.85 -21.23
N ILE B 57 15.82 4.23 -20.45
CA ILE B 57 15.69 4.46 -19.02
C ILE B 57 16.06 3.18 -18.28
N THR B 58 16.69 3.32 -17.11
CA THR B 58 16.92 2.18 -16.21
C THR B 58 16.28 2.44 -14.86
N ARG B 59 15.72 1.38 -14.28
CA ARG B 59 15.12 1.45 -12.95
C ARG B 59 15.46 0.21 -12.16
N GLU B 60 15.82 0.41 -10.90
CA GLU B 60 15.94 -0.71 -9.95
C GLU B 60 14.57 -1.12 -9.43
N ILE B 61 14.35 -2.43 -9.35
CA ILE B 61 13.05 -2.98 -8.97
C ILE B 61 13.26 -4.13 -7.98
N PHE B 62 12.64 -4.02 -6.80
CA PHE B 62 12.63 -5.08 -5.80
C PHE B 62 11.60 -6.12 -6.20
N GLU B 63 12.05 -7.37 -6.40
N GLU B 63 12.05 -7.36 -6.40
CA GLU B 63 11.23 -8.47 -6.89
CA GLU B 63 11.21 -8.45 -6.89
C GLU B 63 11.09 -9.50 -5.77
C GLU B 63 11.09 -9.50 -5.80
N ARG B 64 9.86 -9.68 -5.28
CA ARG B 64 9.61 -10.63 -4.21
C ARG B 64 8.36 -11.46 -4.46
N GLY B 65 7.92 -11.58 -5.71
CA GLY B 65 6.69 -12.26 -6.01
C GLY B 65 5.50 -11.46 -5.51
N HIS B 66 4.36 -12.16 -5.47
CA HIS B 66 3.04 -11.56 -5.24
C HIS B 66 2.32 -12.35 -4.17
N ALA B 67 1.29 -11.74 -3.60
CA ALA B 67 0.68 -12.26 -2.39
C ALA B 67 -0.84 -12.26 -2.47
N ALA B 68 -1.41 -13.17 -1.69
CA ALA B 68 -2.83 -13.24 -1.41
C ALA B 68 -3.06 -12.78 0.03
N VAL B 69 -4.14 -12.04 0.24
CA VAL B 69 -4.50 -11.46 1.52
C VAL B 69 -5.95 -11.81 1.81
N LEU B 70 -6.27 -12.14 3.06
CA LEU B 70 -7.64 -12.43 3.46
C LEU B 70 -8.02 -11.60 4.68
N LEU B 71 -9.11 -10.81 4.52
CA LEU B 71 -9.77 -10.13 5.63
C LEU B 71 -10.80 -11.09 6.21
N PRO B 72 -10.59 -11.64 7.41
CA PRO B 72 -11.60 -12.52 8.01
C PRO B 72 -12.70 -11.69 8.67
N PHE B 73 -13.93 -11.81 8.16
CA PHE B 73 -15.05 -11.01 8.61
C PHE B 73 -16.19 -11.93 9.03
N ASP B 74 -16.68 -11.72 10.24
CA ASP B 74 -17.87 -12.39 10.73
C ASP B 74 -19.04 -11.42 10.56
N PRO B 75 -19.90 -11.59 9.56
CA PRO B 75 -20.98 -10.63 9.34
C PRO B 75 -22.05 -10.65 10.40
N VAL B 76 -22.22 -11.77 11.09
CA VAL B 76 -23.27 -11.84 12.11
C VAL B 76 -22.82 -11.11 13.37
N ARG B 77 -21.57 -11.32 13.77
N ARG B 77 -21.58 -11.32 13.80
CA ARG B 77 -21.00 -10.70 14.97
CA ARG B 77 -21.06 -10.64 14.97
C ARG B 77 -20.33 -9.37 14.66
C ARG B 77 -20.59 -9.23 14.66
N ASP B 78 -20.29 -8.95 13.39
CA ASP B 78 -19.67 -7.69 12.98
C ASP B 78 -18.28 -7.56 13.55
N GLU B 79 -17.48 -8.63 13.38
CA GLU B 79 -16.17 -8.73 13.97
C GLU B 79 -15.16 -9.13 12.90
N VAL B 80 -13.91 -8.70 13.09
CA VAL B 80 -12.80 -9.14 12.25
C VAL B 80 -11.80 -9.86 13.13
N VAL B 81 -10.98 -10.67 12.49
CA VAL B 81 -9.87 -11.37 13.14
C VAL B 81 -8.58 -10.82 12.57
N LEU B 82 -7.66 -10.44 13.47
CA LEU B 82 -6.37 -9.88 13.12
C LEU B 82 -5.28 -10.78 13.69
N VAL B 83 -4.13 -10.80 13.04
CA VAL B 83 -3.00 -11.58 13.52
C VAL B 83 -1.86 -10.63 13.85
N GLU B 84 -1.21 -10.85 14.99
CA GLU B 84 -0.12 -10.02 15.44
C GLU B 84 1.19 -10.78 15.34
N GLN B 85 2.19 -10.18 14.70
CA GLN B 85 3.52 -10.76 14.65
C GLN B 85 4.54 -9.70 14.25
N ILE B 86 5.81 -10.02 14.51
CA ILE B 86 6.88 -9.06 14.25
C ILE B 86 7.18 -8.96 12.76
N ARG B 87 7.34 -7.72 12.29
CA ARG B 87 7.82 -7.39 10.95
C ARG B 87 8.97 -6.42 11.15
N ILE B 88 10.21 -6.94 11.10
CA ILE B 88 11.33 -6.13 11.55
C ILE B 88 11.52 -4.86 10.73
N ALA B 89 11.05 -4.84 9.45
CA ALA B 89 11.23 -3.64 8.63
C ALA B 89 10.44 -2.48 9.17
N ALA B 90 9.48 -2.71 10.06
CA ALA B 90 8.73 -1.62 10.66
C ALA B 90 9.53 -0.88 11.72
N TYR B 91 10.63 -1.46 12.17
CA TYR B 91 11.33 -0.98 13.35
C TYR B 91 11.67 0.52 13.27
N ASP B 92 12.24 0.96 12.15
CA ASP B 92 12.80 2.30 12.10
C ASP B 92 11.74 3.40 12.14
N THR B 93 10.47 3.13 11.79
CA THR B 93 9.47 4.19 11.71
C THR B 93 8.24 3.90 12.57
N SER B 94 8.31 2.93 13.48
CA SER B 94 7.21 2.55 14.33
C SER B 94 7.68 2.47 15.78
N GLU B 95 6.75 2.66 16.72
CA GLU B 95 7.12 2.47 18.12
C GLU B 95 7.42 1.00 18.40
N SER B 96 6.65 0.10 17.79
CA SER B 96 6.88 -1.33 17.91
C SER B 96 6.82 -2.03 16.55
N PRO B 97 7.70 -2.99 16.28
CA PRO B 97 7.61 -3.73 15.03
C PRO B 97 6.62 -4.89 15.04
N TRP B 98 5.94 -5.13 16.16
CA TRP B 98 4.84 -6.09 16.14
C TRP B 98 3.60 -5.43 15.57
N LEU B 99 3.09 -5.98 14.47
CA LEU B 99 2.00 -5.35 13.74
C LEU B 99 0.75 -6.20 13.84
N LEU B 100 -0.39 -5.53 13.79
CA LEU B 100 -1.68 -6.19 13.58
C LEU B 100 -2.00 -6.22 12.09
N GLU B 101 -2.22 -7.42 11.57
CA GLU B 101 -2.31 -7.63 10.14
C GLU B 101 -3.43 -8.58 9.73
N MET B 102 -3.69 -8.56 8.42
CA MET B 102 -4.50 -9.55 7.75
C MET B 102 -3.71 -10.84 7.55
N VAL B 103 -4.44 -11.95 7.48
CA VAL B 103 -3.86 -13.20 7.00
C VAL B 103 -3.34 -13.00 5.59
N ALA B 104 -2.14 -13.53 5.31
CA ALA B 104 -1.58 -13.35 3.98
C ALA B 104 -0.53 -14.41 3.71
N GLY B 105 -0.33 -14.66 2.42
CA GLY B 105 0.75 -15.55 2.03
C GLY B 105 1.17 -15.31 0.60
N MET B 106 2.41 -15.68 0.34
CA MET B 106 2.91 -15.60 -1.02
C MET B 106 2.24 -16.64 -1.92
N ILE B 107 2.08 -16.29 -3.19
CA ILE B 107 1.44 -17.15 -4.17
C ILE B 107 2.52 -17.84 -4.99
N GLU B 108 2.55 -19.17 -4.94
CA GLU B 108 3.48 -19.96 -5.74
C GLU B 108 2.85 -20.30 -7.09
N ALA B 109 3.71 -20.68 -8.04
CA ALA B 109 3.23 -20.99 -9.39
C ALA B 109 2.14 -22.04 -9.33
N GLY B 110 1.02 -21.78 -10.01
CA GLY B 110 -0.06 -22.72 -10.10
C GLY B 110 -1.12 -22.59 -9.03
N GLU B 111 -0.86 -21.85 -7.96
CA GLU B 111 -1.84 -21.63 -6.92
C GLU B 111 -2.74 -20.45 -7.26
N THR B 112 -3.99 -20.52 -6.81
CA THR B 112 -4.89 -19.38 -6.94
C THR B 112 -4.86 -18.52 -5.67
N VAL B 113 -5.30 -17.27 -5.84
CA VAL B 113 -5.45 -16.37 -4.69
C VAL B 113 -6.31 -17.03 -3.63
N GLU B 114 -7.47 -17.55 -4.04
CA GLU B 114 -8.38 -18.15 -3.08
C GLU B 114 -7.74 -19.35 -2.38
N ASP B 115 -7.00 -20.18 -3.12
CA ASP B 115 -6.39 -21.35 -2.51
C ASP B 115 -5.43 -20.94 -1.40
N VAL B 116 -4.63 -19.90 -1.66
CA VAL B 116 -3.64 -19.47 -0.67
C VAL B 116 -4.34 -18.80 0.49
N ALA B 117 -5.32 -17.95 0.20
CA ALA B 117 -6.01 -17.24 1.26
C ALA B 117 -6.71 -18.21 2.21
N ARG B 118 -7.38 -19.23 1.65
CA ARG B 118 -8.05 -20.18 2.52
C ARG B 118 -7.04 -20.97 3.35
N ARG B 119 -5.93 -21.38 2.74
CA ARG B 119 -4.94 -22.17 3.46
C ARG B 119 -4.36 -21.36 4.61
N GLU B 120 -3.95 -20.11 4.35
CA GLU B 120 -3.32 -19.33 5.40
C GLU B 120 -4.31 -18.99 6.52
N ALA B 121 -5.58 -18.79 6.18
CA ALA B 121 -6.55 -18.50 7.22
C ALA B 121 -6.66 -19.66 8.18
N LEU B 122 -6.62 -20.87 7.65
CA LEU B 122 -6.66 -22.07 8.47
C LEU B 122 -5.37 -22.20 9.30
N GLU B 123 -4.21 -22.02 8.65
CA GLU B 123 -2.94 -22.27 9.34
C GLU B 123 -2.60 -21.18 10.34
N GLU B 124 -2.69 -19.92 9.93
CA GLU B 124 -2.27 -18.82 10.81
C GLU B 124 -3.24 -18.61 11.96
N ALA B 125 -4.54 -18.60 11.67
CA ALA B 125 -5.54 -18.20 12.65
C ALA B 125 -6.54 -19.31 12.96
N GLY B 126 -6.30 -20.52 12.50
CA GLY B 126 -7.20 -21.62 12.78
C GLY B 126 -8.63 -21.34 12.36
N LEU B 127 -8.81 -20.66 11.24
CA LEU B 127 -10.11 -20.20 10.78
C LEU B 127 -10.57 -20.99 9.57
N GLU B 128 -11.76 -21.56 9.65
CA GLU B 128 -12.41 -22.16 8.51
C GLU B 128 -13.21 -21.06 7.82
N VAL B 129 -12.97 -20.88 6.54
CA VAL B 129 -13.57 -19.78 5.79
C VAL B 129 -14.73 -20.32 5.00
N GLY B 130 -15.84 -19.57 5.01
CA GLY B 130 -17.01 -19.96 4.25
C GLY B 130 -16.92 -19.36 2.87
N ARG B 131 -17.84 -18.45 2.56
CA ARG B 131 -17.74 -17.73 1.30
C ARG B 131 -16.57 -16.73 1.28
N THR B 132 -16.09 -16.46 0.08
CA THR B 132 -15.15 -15.38 -0.16
C THR B 132 -15.66 -14.49 -1.29
N LYS B 133 -15.11 -13.28 -1.31
CA LYS B 133 -15.43 -12.23 -2.24
C LYS B 133 -14.18 -11.42 -2.49
N PRO B 134 -13.83 -11.07 -3.73
CA PRO B 134 -12.70 -10.17 -3.93
C PRO B 134 -12.99 -8.76 -3.42
N ILE B 135 -11.96 -8.15 -2.88
CA ILE B 135 -11.97 -6.76 -2.43
C ILE B 135 -11.33 -5.97 -3.56
N LEU B 136 -10.00 -6.03 -3.63
CA LEU B 136 -9.18 -5.22 -4.52
C LEU B 136 -7.84 -5.93 -4.68
N SER B 137 -7.16 -5.66 -5.78
CA SER B 137 -5.79 -6.11 -6.01
C SER B 137 -4.94 -4.86 -6.25
N TYR B 138 -3.87 -4.70 -5.49
CA TYR B 138 -3.11 -3.45 -5.50
C TYR B 138 -1.60 -3.68 -5.60
N LEU B 139 -0.94 -2.67 -6.15
CA LEU B 139 0.53 -2.60 -6.20
C LEU B 139 0.98 -1.93 -4.91
N ALA B 140 1.81 -2.61 -4.14
CA ALA B 140 2.24 -2.09 -2.85
C ALA B 140 2.98 -0.75 -2.95
N SER B 141 3.91 -0.62 -3.90
CA SER B 141 4.71 0.59 -4.02
C SER B 141 5.43 0.57 -5.36
N PRO B 142 4.72 0.90 -6.44
CA PRO B 142 5.23 0.55 -7.77
C PRO B 142 6.32 1.46 -8.33
N GLY B 143 6.77 2.47 -7.58
CA GLY B 143 7.99 3.19 -7.94
C GLY B 143 9.25 2.37 -7.74
N GLY B 144 9.18 1.31 -6.93
CA GLY B 144 10.37 0.57 -6.58
C GLY B 144 10.21 -0.93 -6.43
N THR B 145 8.98 -1.46 -6.33
CA THR B 145 8.77 -2.91 -6.23
C THR B 145 7.64 -3.33 -7.16
N SER B 146 7.75 -4.55 -7.69
CA SER B 146 6.70 -5.09 -8.54
C SER B 146 5.56 -5.71 -7.75
N GLU B 147 5.65 -5.76 -6.44
CA GLU B 147 4.75 -6.60 -5.64
C GLU B 147 3.30 -6.19 -5.80
N ARG B 148 2.46 -7.17 -6.11
CA ARG B 148 1.01 -7.03 -6.15
C ARG B 148 0.41 -7.93 -5.09
N LEU B 149 -0.59 -7.42 -4.40
CA LEU B 149 -1.30 -8.18 -3.36
C LEU B 149 -2.78 -8.16 -3.72
N SER B 150 -3.40 -9.34 -3.69
CA SER B 150 -4.82 -9.50 -4.05
C SER B 150 -5.58 -9.85 -2.79
N ILE B 151 -6.52 -9.01 -2.40
CA ILE B 151 -7.27 -9.14 -1.14
C ILE B 151 -8.64 -9.76 -1.42
N LEU B 152 -9.00 -10.74 -0.60
CA LEU B 152 -10.35 -11.29 -0.51
C LEU B 152 -10.88 -11.01 0.90
N VAL B 153 -12.20 -10.87 1.01
CA VAL B 153 -12.88 -10.96 2.30
C VAL B 153 -13.41 -12.37 2.44
N GLY B 154 -13.23 -12.95 3.62
CA GLY B 154 -13.63 -14.31 3.91
C GLY B 154 -14.59 -14.38 5.09
N GLU B 155 -15.70 -15.07 4.86
CA GLU B 155 -16.72 -15.27 5.89
C GLU B 155 -16.23 -16.24 6.96
N VAL B 156 -16.18 -15.78 8.22
CA VAL B 156 -15.72 -16.62 9.32
C VAL B 156 -16.68 -16.51 10.50
N ASP B 157 -16.58 -17.48 11.40
CA ASP B 157 -17.20 -17.41 12.72
C ASP B 157 -16.11 -16.96 13.68
N ALA B 158 -16.16 -15.68 14.08
CA ALA B 158 -15.04 -15.12 14.84
C ALA B 158 -14.95 -15.73 16.22
N SER B 159 -16.01 -16.37 16.71
CA SER B 159 -15.93 -17.02 18.01
C SER B 159 -15.06 -18.27 18.00
N THR B 160 -14.64 -18.75 16.82
CA THR B 160 -13.82 -19.95 16.70
C THR B 160 -12.33 -19.64 16.55
N ALA B 161 -11.96 -18.38 16.44
CA ALA B 161 -10.57 -18.03 16.15
C ALA B 161 -9.65 -18.56 17.24
N LYS B 162 -8.68 -19.38 16.83
CA LYS B 162 -7.79 -20.04 17.78
C LYS B 162 -6.32 -19.73 17.49
N GLY B 163 -5.71 -20.50 16.59
CA GLY B 163 -4.30 -20.33 16.27
C GLY B 163 -3.88 -21.07 15.02
N ASP B 173 6.33 -16.04 17.97
CA ASP B 173 5.16 -16.70 17.34
C ASP B 173 4.07 -15.76 16.72
N ILE B 174 2.78 -16.13 16.80
CA ILE B 174 1.66 -15.31 16.32
C ILE B 174 0.60 -15.26 17.40
N ARG B 175 -0.02 -14.10 17.56
CA ARG B 175 -1.16 -13.92 18.48
C ARG B 175 -2.38 -13.51 17.67
N VAL B 176 -3.50 -14.15 17.94
CA VAL B 176 -4.73 -13.92 17.19
C VAL B 176 -5.66 -13.03 18.02
N HIS B 177 -6.21 -11.99 17.38
CA HIS B 177 -7.08 -11.00 18.01
C HIS B 177 -8.44 -10.97 17.34
N VAL B 178 -9.51 -10.98 18.13
CA VAL B 178 -10.85 -10.72 17.61
C VAL B 178 -11.30 -9.36 18.10
N VAL B 179 -11.71 -8.49 17.18
CA VAL B 179 -12.20 -7.17 17.57
C VAL B 179 -13.39 -6.81 16.70
N SER B 180 -14.25 -5.93 17.24
CA SER B 180 -15.33 -5.40 16.43
C SER B 180 -14.80 -4.70 15.19
N ARG B 181 -15.62 -4.71 14.14
CA ARG B 181 -15.29 -3.93 12.96
C ARG B 181 -15.05 -2.47 13.31
N GLU B 182 -15.94 -1.88 14.13
CA GLU B 182 -15.77 -0.47 14.46
C GLU B 182 -14.46 -0.23 15.19
N GLN B 183 -14.08 -1.12 16.13
CA GLN B 183 -12.80 -0.95 16.83
C GLN B 183 -11.63 -1.06 15.86
N ALA B 184 -11.65 -2.05 14.98
CA ALA B 184 -10.57 -2.20 14.01
C ALA B 184 -10.45 -0.97 13.14
N TYR B 185 -11.59 -0.43 12.68
CA TYR B 185 -11.52 0.76 11.87
C TYR B 185 -11.02 1.97 12.68
N GLN B 186 -11.45 2.11 13.93
N GLN B 186 -11.47 2.10 13.93
CA GLN B 186 -10.92 3.22 14.72
CA GLN B 186 -10.94 3.15 14.80
C GLN B 186 -9.41 3.08 14.89
C GLN B 186 -9.43 3.06 14.88
N TRP B 187 -8.90 1.84 14.94
CA TRP B 187 -7.45 1.65 15.05
C TRP B 187 -6.74 2.07 13.77
N VAL B 188 -7.37 1.88 12.61
CA VAL B 188 -6.84 2.48 11.38
C VAL B 188 -6.78 3.99 11.49
N GLU B 189 -7.88 4.61 11.88
CA GLU B 189 -7.92 6.06 12.03
C GLU B 189 -6.83 6.57 12.97
N GLU B 190 -6.57 5.85 14.07
CA GLU B 190 -5.62 6.26 15.09
C GLU B 190 -4.17 5.89 14.75
N GLY B 191 -3.97 5.12 13.70
CA GLY B 191 -2.63 4.71 13.33
C GLY B 191 -2.12 3.47 14.04
N LYS B 192 -2.96 2.79 14.80
CA LYS B 192 -2.56 1.55 15.46
C LYS B 192 -2.53 0.37 14.49
N ILE B 193 -3.31 0.41 13.43
CA ILE B 193 -3.20 -0.48 12.28
C ILE B 193 -2.73 0.41 11.12
N ASP B 194 -1.54 0.12 10.58
CA ASP B 194 -0.94 1.04 9.60
C ASP B 194 -0.08 0.31 8.59
N ASN B 195 -0.43 -0.92 8.26
CA ASN B 195 0.18 -1.60 7.12
C ASN B 195 -0.82 -1.58 5.97
N ALA B 196 -0.31 -1.43 4.74
CA ALA B 196 -1.19 -1.17 3.58
C ALA B 196 -2.30 -2.20 3.45
N ALA B 197 -1.98 -3.50 3.55
CA ALA B 197 -3.02 -4.50 3.29
C ALA B 197 -4.18 -4.34 4.25
N SER B 198 -3.89 -4.12 5.53
CA SER B 198 -4.93 -4.04 6.53
C SER B 198 -5.72 -2.75 6.40
N VAL B 199 -5.04 -1.65 6.12
CA VAL B 199 -5.70 -0.35 5.94
C VAL B 199 -6.67 -0.44 4.78
N ILE B 200 -6.21 -0.98 3.66
CA ILE B 200 -7.06 -1.05 2.45
C ILE B 200 -8.25 -1.95 2.74
N ALA B 201 -7.99 -3.13 3.32
CA ALA B 201 -9.08 -4.06 3.58
C ALA B 201 -10.12 -3.47 4.54
N LEU B 202 -9.67 -2.83 5.63
CA LEU B 202 -10.61 -2.33 6.63
C LEU B 202 -11.31 -1.06 6.15
N GLN B 203 -10.65 -0.21 5.35
CA GLN B 203 -11.40 0.88 4.73
C GLN B 203 -12.48 0.34 3.79
N TRP B 204 -12.12 -0.65 2.96
CA TRP B 204 -13.11 -1.27 2.08
C TRP B 204 -14.27 -1.81 2.90
N LEU B 205 -13.97 -2.48 4.00
CA LEU B 205 -15.05 -3.04 4.82
C LEU B 205 -15.94 -1.94 5.39
N GLN B 206 -15.36 -0.81 5.80
CA GLN B 206 -16.15 0.29 6.33
C GLN B 206 -17.11 0.83 5.27
N LEU B 207 -16.71 0.75 4.00
CA LEU B 207 -17.54 1.22 2.90
C LEU B 207 -18.56 0.19 2.43
N HIS B 208 -18.33 -1.12 2.68
CA HIS B 208 -19.12 -2.17 2.07
C HIS B 208 -19.79 -3.12 3.04
N TYR B 209 -19.64 -2.94 4.36
CA TYR B 209 -20.12 -3.97 5.26
C TYR B 209 -21.64 -4.13 5.21
N HIS B 210 -22.38 -3.05 4.97
CA HIS B 210 -23.84 -3.18 4.91
C HIS B 210 -24.24 -4.14 3.80
N ASN B 211 -23.71 -3.93 2.59
CA ASN B 211 -24.08 -4.83 1.50
C ASN B 211 -23.54 -6.22 1.72
N LEU B 212 -22.40 -6.34 2.39
CA LEU B 212 -21.84 -7.66 2.67
C LEU B 212 -22.68 -8.40 3.69
N ARG B 213 -23.11 -7.71 4.76
CA ARG B 213 -23.94 -8.37 5.74
C ARG B 213 -25.23 -8.88 5.10
N ASN B 214 -25.79 -8.08 4.18
CA ASN B 214 -27.01 -8.49 3.48
C ASN B 214 -26.76 -9.72 2.61
N GLU B 215 -25.63 -9.74 1.92
CA GLU B 215 -25.36 -10.83 0.98
C GLU B 215 -25.11 -12.14 1.70
N TRP B 216 -24.48 -12.11 2.88
CA TRP B 216 -24.07 -13.32 3.59
C TRP B 216 -25.08 -13.74 4.67
N THR B 217 -26.30 -13.22 4.65
CA THR B 217 -27.31 -13.66 5.61
C THR B 217 -27.96 -14.97 5.17
#